data_7N7A
#
_entry.id   7N7A
#
_cell.length_a   128.956
_cell.length_b   74.701
_cell.length_c   82.284
_cell.angle_alpha   90.000
_cell.angle_beta   113.740
_cell.angle_gamma   90.000
#
_symmetry.space_group_name_H-M   'C 1 2 1'
#
loop_
_entity.id
_entity.type
_entity.pdbx_description
1 polymer 'Formyl_trans_N domain-containing protein'
2 non-polymer 1,2-ETHANEDIOL
3 water water
#
_entity_poly.entity_id   1
_entity_poly.type   'polypeptide(L)'
_entity_poly.pdbx_seq_one_letter_code
;MIKLCIAGKNNIAVNSLEYILKNHFKPDQVAVIPNKNDFGVDSWQKSLLHYAFNNHIKVITLEEAYELKQIIFFSLEFDR
IVKVEKFKSDKLFNMHFSALPKYKGVFTSITPILNNEVESGVTLHCIDNGIDTGNIIDQYIFPININDTARDLYFNYLSY
GEYLFKKNIQRIINNTYENFKQNNISSSYFSRQDININHKINFKKTSFEIHNQIRAFIFKEYQLPSINKTKIIKSTLTNE
FIGYNMFEEFEEYFMISGIDGFKIIAQKYNAELEHHHHHH
;
_entity_poly.pdbx_strand_id   A,B
#
# COMPACT_ATOMS: atom_id res chain seq x y z
N MET A 1 46.52 7.84 3.43
CA MET A 1 45.50 7.03 4.19
C MET A 1 44.21 6.87 3.35
N ILE A 2 43.47 5.80 3.57
CA ILE A 2 42.14 5.58 2.95
CA ILE A 2 42.13 5.61 2.93
C ILE A 2 41.18 6.64 3.53
N LYS A 3 40.58 7.48 2.69
CA LYS A 3 39.64 8.50 3.15
C LYS A 3 38.20 8.00 2.91
N LEU A 4 38.02 7.12 1.94
CA LEU A 4 36.64 6.73 1.49
C LEU A 4 36.65 5.31 0.96
N CYS A 5 35.63 4.57 1.33
CA CYS A 5 35.43 3.18 0.91
C CYS A 5 34.07 3.11 0.23
N ILE A 6 33.99 2.59 -1.00
CA ILE A 6 32.69 2.25 -1.63
CA ILE A 6 32.71 2.26 -1.68
C ILE A 6 32.52 0.73 -1.59
N ALA A 7 31.46 0.30 -0.92
CA ALA A 7 31.05 -1.10 -0.79
C ALA A 7 29.78 -1.31 -1.61
N GLY A 8 29.85 -2.19 -2.60
CA GLY A 8 28.67 -2.52 -3.43
C GLY A 8 29.00 -2.84 -4.85
N LYS A 9 28.06 -2.56 -5.76
CA LYS A 9 28.10 -3.16 -7.10
C LYS A 9 27.33 -2.26 -8.06
N ASN A 10 27.47 -2.56 -9.33
CA ASN A 10 26.65 -2.04 -10.46
C ASN A 10 27.04 -0.58 -10.78
N ASN A 11 26.29 0.03 -11.69
CA ASN A 11 26.73 1.32 -12.28
C ASN A 11 26.73 2.38 -11.17
N ILE A 12 25.86 2.22 -10.17
CA ILE A 12 25.78 3.22 -9.09
C ILE A 12 27.13 3.21 -8.36
N ALA A 13 27.68 2.05 -8.03
CA ALA A 13 28.97 1.95 -7.31
C ALA A 13 30.09 2.44 -8.21
N VAL A 14 30.17 1.94 -9.44
CA VAL A 14 31.27 2.30 -10.39
C VAL A 14 31.20 3.78 -10.69
N ASN A 15 30.03 4.33 -11.05
CA ASN A 15 29.94 5.76 -11.43
C ASN A 15 30.21 6.67 -10.22
N SER A 16 29.83 6.24 -9.02
CA SER A 16 30.05 7.04 -7.79
C SER A 16 31.56 7.06 -7.52
N LEU A 17 32.21 5.91 -7.66
CA LEU A 17 33.68 5.84 -7.45
C LEU A 17 34.39 6.75 -8.46
N GLU A 18 34.04 6.67 -9.74
CA GLU A 18 34.63 7.54 -10.78
C GLU A 18 34.47 9.01 -10.36
N TYR A 19 33.28 9.39 -9.91
CA TYR A 19 32.99 10.77 -9.52
C TYR A 19 33.94 11.19 -8.37
N ILE A 20 34.13 10.28 -7.42
CA ILE A 20 35.05 10.49 -6.28
C ILE A 20 36.45 10.77 -6.84
N LEU A 21 36.91 9.94 -7.77
CA LEU A 21 38.29 10.09 -8.30
C LEU A 21 38.42 11.37 -9.14
N LYS A 22 37.38 11.85 -9.81
CA LYS A 22 37.53 13.01 -10.70
C LYS A 22 37.41 14.29 -9.85
N ASN A 23 36.75 14.22 -8.69
CA ASN A 23 36.28 15.44 -8.00
C ASN A 23 36.76 15.54 -6.56
N HIS A 24 37.18 14.46 -5.87
CA HIS A 24 37.38 14.53 -4.40
C HIS A 24 38.70 13.91 -3.94
N PHE A 25 39.03 12.67 -4.32
CA PHE A 25 40.13 11.92 -3.70
C PHE A 25 40.96 11.24 -4.77
N LYS A 26 42.23 11.03 -4.45
CA LYS A 26 43.22 10.31 -5.28
C LYS A 26 43.02 8.81 -5.17
N PRO A 27 43.41 8.03 -6.20
CA PRO A 27 43.29 6.58 -6.15
C PRO A 27 43.81 5.96 -4.84
N ASP A 28 44.93 6.45 -4.29
CA ASP A 28 45.51 5.84 -3.06
C ASP A 28 44.72 6.26 -1.82
N GLN A 29 43.73 7.13 -1.94
CA GLN A 29 42.89 7.54 -0.80
C GLN A 29 41.52 6.82 -0.82
N VAL A 30 41.29 5.91 -1.77
CA VAL A 30 39.99 5.20 -1.87
C VAL A 30 40.20 3.70 -1.88
N ALA A 31 39.19 2.98 -1.39
CA ALA A 31 39.16 1.51 -1.43
C ALA A 31 37.75 1.03 -1.79
N VAL A 32 37.64 -0.22 -2.21
CA VAL A 32 36.32 -0.81 -2.55
C VAL A 32 36.13 -2.08 -1.74
N ILE A 33 34.88 -2.43 -1.47
CA ILE A 33 34.47 -3.80 -1.04
C ILE A 33 33.40 -4.25 -2.02
N PRO A 34 33.76 -5.12 -2.97
CA PRO A 34 32.81 -5.62 -3.94
C PRO A 34 31.87 -6.64 -3.32
N ASN A 35 30.78 -6.85 -4.03
CA ASN A 35 29.76 -7.86 -3.69
C ASN A 35 30.31 -9.25 -4.06
N LYS A 36 29.77 -10.30 -3.45
CA LYS A 36 30.14 -11.71 -3.71
C LYS A 36 29.85 -12.17 -5.14
N ASN A 37 29.02 -11.45 -5.89
CA ASN A 37 28.58 -11.75 -7.28
C ASN A 37 29.54 -11.05 -8.25
N ASP A 38 30.53 -10.29 -7.75
CA ASP A 38 31.46 -9.54 -8.64
C ASP A 38 32.68 -10.41 -8.98
N PHE A 39 32.79 -10.78 -10.23
CA PHE A 39 33.89 -11.66 -10.69
C PHE A 39 34.85 -10.88 -11.57
N GLY A 40 34.68 -9.56 -11.59
CA GLY A 40 35.52 -8.63 -12.36
C GLY A 40 35.11 -8.56 -13.81
N VAL A 41 33.87 -8.90 -14.13
CA VAL A 41 33.41 -9.00 -15.54
C VAL A 41 32.24 -8.04 -15.77
N ASP A 42 32.38 -7.10 -16.70
CA ASP A 42 31.28 -6.17 -17.08
C ASP A 42 30.20 -7.01 -17.73
N SER A 43 28.92 -6.73 -17.45
CA SER A 43 27.81 -7.43 -18.15
C SER A 43 26.71 -6.41 -18.37
N TRP A 44 25.47 -6.70 -17.95
CA TRP A 44 24.36 -5.73 -18.11
C TRP A 44 24.56 -4.55 -17.13
N GLN A 45 25.46 -4.71 -16.16
CA GLN A 45 26.00 -3.61 -15.34
C GLN A 45 27.51 -3.76 -15.32
N LYS A 46 28.22 -2.65 -15.10
CA LYS A 46 29.69 -2.66 -14.94
C LYS A 46 30.05 -3.37 -13.62
N SER A 47 31.22 -3.96 -13.63
CA SER A 47 31.89 -4.62 -12.48
C SER A 47 32.67 -3.57 -11.68
N LEU A 48 32.41 -3.41 -10.37
CA LEU A 48 33.23 -2.54 -9.51
C LEU A 48 34.69 -3.06 -9.46
N LEU A 49 34.90 -4.37 -9.36
CA LEU A 49 36.26 -4.99 -9.30
C LEU A 49 37.02 -4.62 -10.57
N HIS A 50 36.39 -4.76 -11.74
CA HIS A 50 36.99 -4.41 -13.05
C HIS A 50 37.43 -2.93 -13.06
N TYR A 51 36.58 -2.03 -12.57
CA TYR A 51 36.92 -0.58 -12.53
C TYR A 51 38.12 -0.40 -11.60
N ALA A 52 38.06 -1.04 -10.44
CA ALA A 52 39.13 -0.95 -9.42
C ALA A 52 40.43 -1.47 -10.03
N PHE A 53 40.37 -2.59 -10.74
CA PHE A 53 41.56 -3.17 -11.43
C PHE A 53 42.20 -2.11 -12.36
N ASN A 54 41.41 -1.52 -13.25
CA ASN A 54 41.85 -0.57 -14.28
C ASN A 54 42.37 0.72 -13.67
N ASN A 55 41.91 1.11 -12.49
CA ASN A 55 42.19 2.42 -11.87
C ASN A 55 43.08 2.29 -10.64
N HIS A 56 43.64 1.12 -10.40
CA HIS A 56 44.62 0.85 -9.32
C HIS A 56 43.99 1.20 -7.98
N ILE A 57 42.75 0.77 -7.76
CA ILE A 57 42.05 0.98 -6.46
C ILE A 57 42.17 -0.33 -5.68
N LYS A 58 42.56 -0.22 -4.40
CA LYS A 58 42.78 -1.37 -3.47
C LYS A 58 41.40 -1.92 -3.07
N VAL A 59 41.32 -3.24 -2.94
CA VAL A 59 40.15 -3.94 -2.36
C VAL A 59 40.48 -4.13 -0.89
N ILE A 60 39.57 -3.76 0.01
CA ILE A 60 39.75 -4.10 1.46
C ILE A 60 38.60 -5.00 1.91
N THR A 61 38.76 -5.59 3.09
CA THR A 61 37.71 -6.41 3.72
C THR A 61 36.85 -5.49 4.58
N LEU A 62 35.67 -5.98 4.89
CA LEU A 62 34.78 -5.27 5.82
C LEU A 62 35.46 -5.18 7.21
N GLU A 63 36.11 -6.25 7.67
CA GLU A 63 36.91 -6.27 8.95
C GLU A 63 37.96 -5.14 8.94
N GLU A 64 38.66 -4.89 7.82
CA GLU A 64 39.65 -3.78 7.76
C GLU A 64 38.93 -2.44 7.87
N ALA A 65 37.79 -2.27 7.19
CA ALA A 65 37.06 -0.99 7.17
C ALA A 65 36.65 -0.67 8.61
N TYR A 66 36.29 -1.68 9.40
CA TYR A 66 35.83 -1.51 10.80
C TYR A 66 36.88 -0.76 11.61
N GLU A 67 38.17 -0.93 11.27
CA GLU A 67 39.32 -0.46 12.07
C GLU A 67 39.85 0.85 11.51
N LEU A 68 39.33 1.35 10.38
CA LEU A 68 39.89 2.57 9.74
C LEU A 68 39.16 3.78 10.35
N LYS A 69 39.86 4.50 11.20
CA LYS A 69 39.36 5.73 11.83
C LYS A 69 39.13 6.79 10.77
N GLN A 70 38.08 7.54 10.92
CA GLN A 70 37.87 8.72 10.03
C GLN A 70 37.41 8.28 8.63
N ILE A 71 37.28 7.00 8.30
CA ILE A 71 36.91 6.65 6.88
C ILE A 71 35.47 7.13 6.64
N ILE A 72 35.19 7.64 5.45
CA ILE A 72 33.80 7.74 4.93
C ILE A 72 33.44 6.39 4.29
N PHE A 73 32.44 5.72 4.83
CA PHE A 73 31.98 4.41 4.32
C PHE A 73 30.65 4.60 3.60
N PHE A 74 30.60 4.23 2.32
CA PHE A 74 29.37 4.36 1.50
C PHE A 74 29.00 2.97 0.95
N SER A 75 27.84 2.45 1.34
CA SER A 75 27.19 1.25 0.77
CA SER A 75 27.22 1.24 0.74
C SER A 75 26.30 1.67 -0.41
N LEU A 76 26.57 1.12 -1.61
CA LEU A 76 25.77 1.35 -2.82
C LEU A 76 25.46 -0.04 -3.40
N GLU A 77 24.31 -0.57 -3.04
CA GLU A 77 23.84 -1.90 -3.49
C GLU A 77 24.73 -2.98 -2.89
N PHE A 78 25.27 -2.73 -1.71
CA PHE A 78 26.13 -3.72 -1.01
C PHE A 78 25.28 -4.90 -0.58
N ASP A 79 25.92 -6.06 -0.46
CA ASP A 79 25.17 -7.33 -0.26
C ASP A 79 25.34 -7.86 1.18
N ARG A 80 25.95 -7.11 2.08
CA ARG A 80 26.10 -7.58 3.48
C ARG A 80 25.51 -6.58 4.45
N ILE A 81 25.14 -7.09 5.64
CA ILE A 81 24.68 -6.24 6.77
C ILE A 81 25.84 -5.38 7.23
N VAL A 82 25.61 -4.07 7.33
CA VAL A 82 26.53 -3.07 7.94
C VAL A 82 25.82 -2.51 9.18
N LYS A 83 26.51 -2.53 10.31
CA LYS A 83 26.01 -1.97 11.62
C LYS A 83 27.05 -1.01 12.21
N VAL A 84 26.67 0.24 12.49
CA VAL A 84 27.65 1.25 13.00
C VAL A 84 28.48 0.65 14.12
N GLU A 85 27.87 -0.15 14.99
CA GLU A 85 28.45 -0.55 16.30
C GLU A 85 29.79 -1.25 16.03
N LYS A 86 29.98 -1.78 14.83
CA LYS A 86 31.21 -2.55 14.48
C LYS A 86 32.37 -1.62 14.10
N PHE A 87 32.11 -0.36 13.71
CA PHE A 87 33.10 0.55 13.07
C PHE A 87 33.66 1.55 14.09
N LYS A 88 34.92 1.92 13.91
CA LYS A 88 35.52 3.06 14.64
C LYS A 88 34.96 4.33 14.05
N SER A 89 34.82 4.40 12.73
CA SER A 89 34.23 5.60 12.11
C SER A 89 32.72 5.65 12.38
N ASP A 90 32.18 6.87 12.44
CA ASP A 90 30.70 7.08 12.50
C ASP A 90 30.20 7.61 11.15
N LYS A 91 31.06 7.73 10.14
CA LYS A 91 30.65 8.36 8.85
C LYS A 91 30.22 7.25 7.88
N LEU A 92 29.05 6.66 8.14
CA LEU A 92 28.55 5.46 7.43
C LEU A 92 27.25 5.87 6.73
N PHE A 93 27.19 5.70 5.42
CA PHE A 93 26.08 6.17 4.55
C PHE A 93 25.66 5.06 3.58
N ASN A 94 24.37 5.04 3.27
CA ASN A 94 23.76 4.02 2.39
C ASN A 94 22.88 4.78 1.40
N MET A 95 22.86 4.33 0.15
CA MET A 95 21.83 4.73 -0.83
C MET A 95 20.78 3.62 -0.90
N HIS A 96 19.64 3.82 -0.27
CA HIS A 96 18.58 2.79 -0.21
C HIS A 96 17.60 3.06 -1.38
N PHE A 97 17.21 2.03 -2.10
CA PHE A 97 16.38 2.19 -3.33
C PHE A 97 14.90 2.14 -2.97
N SER A 98 14.46 3.05 -2.12
CA SER A 98 13.02 3.34 -1.90
C SER A 98 12.87 4.73 -1.32
N ALA A 99 11.63 5.15 -1.26
CA ALA A 99 11.20 6.38 -0.57
C ALA A 99 11.00 6.04 0.90
N LEU A 100 12.09 5.94 1.64
CA LEU A 100 12.01 5.67 3.08
C LEU A 100 11.13 6.74 3.72
N PRO A 101 10.37 6.38 4.76
CA PRO A 101 10.52 5.12 5.49
C PRO A 101 9.83 3.87 4.92
N LYS A 102 9.20 3.99 3.77
CA LYS A 102 8.53 2.86 3.12
C LYS A 102 9.59 1.96 2.49
N TYR A 103 9.29 0.67 2.47
CA TYR A 103 10.03 -0.34 1.65
C TYR A 103 11.48 -0.40 2.10
N LYS A 104 11.70 -0.43 3.41
CA LYS A 104 12.96 -0.95 3.99
C LYS A 104 13.13 -2.39 3.51
N GLY A 105 14.36 -2.92 3.51
CA GLY A 105 14.61 -4.33 3.19
C GLY A 105 14.97 -4.49 1.73
N VAL A 106 14.53 -5.59 1.13
CA VAL A 106 15.11 -6.09 -0.15
C VAL A 106 14.03 -6.11 -1.23
N PHE A 107 14.46 -6.41 -2.45
CA PHE A 107 13.57 -6.57 -3.62
C PHE A 107 12.77 -5.26 -3.83
N THR A 108 13.37 -4.08 -3.70
CA THR A 108 12.56 -2.83 -3.77
C THR A 108 12.23 -2.49 -5.23
N SER A 109 12.71 -3.23 -6.23
CA SER A 109 12.22 -3.07 -7.62
C SER A 109 10.90 -3.82 -7.78
N ILE A 110 10.61 -4.71 -6.85
CA ILE A 110 9.40 -5.57 -6.88
C ILE A 110 8.34 -4.98 -5.95
N THR A 111 8.72 -4.69 -4.71
CA THR A 111 7.71 -4.43 -3.64
C THR A 111 6.83 -3.23 -3.97
N PRO A 112 7.32 -2.05 -4.40
CA PRO A 112 6.42 -0.92 -4.68
C PRO A 112 5.42 -1.23 -5.79
N ILE A 113 5.86 -1.94 -6.83
CA ILE A 113 4.93 -2.28 -7.94
C ILE A 113 3.87 -3.24 -7.43
N LEU A 114 4.29 -4.25 -6.70
CA LEU A 114 3.41 -5.34 -6.21
C LEU A 114 2.41 -4.75 -5.23
N ASN A 115 2.76 -3.67 -4.52
CA ASN A 115 1.91 -3.01 -3.52
C ASN A 115 1.24 -1.78 -4.12
N ASN A 116 1.11 -1.74 -5.43
CA ASN A 116 0.19 -0.80 -6.13
C ASN A 116 0.66 0.65 -6.04
N GLU A 117 1.95 0.92 -5.83
CA GLU A 117 2.45 2.31 -5.82
C GLU A 117 2.49 2.88 -7.25
N VAL A 118 2.50 4.21 -7.35
CA VAL A 118 2.71 4.94 -8.63
C VAL A 118 3.95 5.83 -8.54
N GLU A 119 4.68 5.75 -7.44
CA GLU A 119 5.94 6.50 -7.21
C GLU A 119 6.87 5.59 -6.43
N SER A 120 8.16 5.79 -6.56
CA SER A 120 9.14 5.25 -5.62
C SER A 120 10.18 6.35 -5.36
N GLY A 121 11.35 6.01 -4.91
CA GLY A 121 12.39 7.03 -4.68
C GLY A 121 13.71 6.39 -4.32
N VAL A 122 14.73 7.21 -4.19
CA VAL A 122 16.02 6.77 -3.58
C VAL A 122 16.24 7.66 -2.37
N THR A 123 16.87 7.08 -1.34
CA THR A 123 17.10 7.77 -0.04
C THR A 123 18.56 7.57 0.37
N LEU A 124 19.27 8.68 0.53
CA LEU A 124 20.63 8.70 1.14
C LEU A 124 20.43 8.83 2.66
N HIS A 125 20.90 7.84 3.40
CA HIS A 125 20.70 7.81 4.87
C HIS A 125 21.96 7.36 5.59
N CYS A 126 22.04 7.77 6.86
CA CYS A 126 23.03 7.27 7.84
C CYS A 126 22.76 5.79 8.08
N ILE A 127 23.80 4.98 8.19
CA ILE A 127 23.64 3.55 8.59
C ILE A 127 23.71 3.50 10.11
N ASP A 128 22.72 2.90 10.74
CA ASP A 128 22.72 2.69 12.21
C ASP A 128 22.79 1.18 12.42
N ASN A 129 22.19 0.63 13.48
CA ASN A 129 22.28 -0.82 13.79
C ASN A 129 21.04 -1.57 13.30
N GLY A 130 20.09 -0.86 12.68
CA GLY A 130 18.90 -1.50 12.10
C GLY A 130 18.93 -1.55 10.58
N ILE A 131 17.96 -2.24 10.00
CA ILE A 131 17.91 -2.43 8.52
C ILE A 131 17.20 -1.23 7.94
N ASP A 132 17.99 -0.33 7.35
CA ASP A 132 17.52 0.80 6.50
C ASP A 132 16.73 1.78 7.38
N THR A 133 17.12 1.87 8.65
CA THR A 133 16.41 2.63 9.74
C THR A 133 17.07 3.96 10.04
N GLY A 134 18.31 4.19 9.57
CA GLY A 134 19.11 5.36 9.99
C GLY A 134 18.55 6.66 9.47
N ASN A 135 19.04 7.77 10.02
CA ASN A 135 18.50 9.11 9.72
C ASN A 135 18.68 9.50 8.26
N ILE A 136 17.68 10.16 7.71
CA ILE A 136 17.64 10.53 6.26
C ILE A 136 18.49 11.79 6.08
N ILE A 137 19.34 11.82 5.06
CA ILE A 137 20.09 13.02 4.64
C ILE A 137 19.38 13.63 3.43
N ASP A 138 19.05 12.84 2.42
CA ASP A 138 18.34 13.40 1.24
C ASP A 138 17.46 12.32 0.60
N GLN A 139 16.50 12.76 -0.21
CA GLN A 139 15.55 11.83 -0.84
C GLN A 139 15.11 12.42 -2.17
N TYR A 140 14.93 11.56 -3.15
CA TYR A 140 14.37 11.93 -4.46
C TYR A 140 13.28 10.92 -4.81
N ILE A 141 12.06 11.43 -4.99
CA ILE A 141 10.82 10.67 -5.33
C ILE A 141 10.57 10.87 -6.83
N PHE A 142 10.33 9.77 -7.54
CA PHE A 142 10.09 9.82 -8.99
C PHE A 142 8.93 8.89 -9.32
N PRO A 143 8.27 9.12 -10.45
CA PRO A 143 7.14 8.29 -10.88
C PRO A 143 7.52 6.87 -11.27
N ILE A 144 6.66 5.92 -10.91
CA ILE A 144 6.59 4.63 -11.63
C ILE A 144 5.64 4.82 -12.82
N ASN A 145 6.13 4.69 -14.04
CA ASN A 145 5.26 4.80 -15.24
C ASN A 145 4.38 3.53 -15.27
N ILE A 146 3.18 3.66 -15.82
CA ILE A 146 2.17 2.59 -15.71
C ILE A 146 2.65 1.25 -16.30
N ASN A 147 3.50 1.25 -17.32
CA ASN A 147 3.98 -0.01 -17.92
C ASN A 147 5.44 -0.28 -17.55
N ASP A 148 5.99 0.39 -16.54
CA ASP A 148 7.37 0.10 -16.05
C ASP A 148 7.37 -1.34 -15.51
N THR A 149 8.42 -2.08 -15.81
CA THR A 149 8.76 -3.36 -15.15
C THR A 149 9.67 -3.09 -13.96
N ALA A 150 9.91 -4.11 -13.18
CA ALA A 150 10.92 -4.09 -12.10
C ALA A 150 12.24 -3.64 -12.71
N ARG A 151 12.55 -4.09 -13.92
CA ARG A 151 13.83 -3.73 -14.58
C ARG A 151 13.87 -2.23 -14.86
N ASP A 152 12.79 -1.64 -15.37
CA ASP A 152 12.70 -0.19 -15.62
C ASP A 152 12.91 0.51 -14.27
N LEU A 153 12.25 -0.01 -13.23
CA LEU A 153 12.27 0.67 -11.92
C LEU A 153 13.73 0.59 -11.40
N TYR A 154 14.34 -0.61 -11.47
CA TYR A 154 15.75 -0.77 -11.05
C TYR A 154 16.67 0.23 -11.76
N PHE A 155 16.56 0.38 -13.08
CA PHE A 155 17.43 1.32 -13.82
C PHE A 155 17.20 2.77 -13.35
N ASN A 156 15.97 3.14 -13.03
CA ASN A 156 15.69 4.47 -12.46
C ASN A 156 16.40 4.62 -11.09
N TYR A 157 16.33 3.62 -10.24
CA TYR A 157 17.03 3.66 -8.93
C TYR A 157 18.52 3.91 -9.16
N LEU A 158 19.12 3.23 -10.13
CA LEU A 158 20.57 3.37 -10.41
C LEU A 158 20.85 4.81 -10.79
N SER A 159 20.02 5.37 -11.65
CA SER A 159 20.19 6.73 -12.20
C SER A 159 19.98 7.80 -11.09
N TYR A 160 18.87 7.72 -10.40
CA TYR A 160 18.51 8.72 -9.37
C TYR A 160 19.44 8.58 -8.16
N GLY A 161 19.85 7.36 -7.84
CA GLY A 161 20.81 7.05 -6.78
C GLY A 161 22.16 7.69 -7.08
N GLU A 162 22.64 7.52 -8.30
CA GLU A 162 23.88 8.17 -8.74
C GLU A 162 23.72 9.71 -8.63
N TYR A 163 22.58 10.28 -9.07
CA TYR A 163 22.28 11.72 -8.98
C TYR A 163 22.37 12.20 -7.51
N LEU A 164 21.82 11.44 -6.57
CA LEU A 164 21.71 11.87 -5.14
C LEU A 164 23.12 11.77 -4.50
N PHE A 165 23.88 10.76 -4.88
CA PHE A 165 25.29 10.64 -4.44
C PHE A 165 26.08 11.90 -4.84
N LYS A 166 25.97 12.32 -6.12
CA LYS A 166 26.81 13.41 -6.67
C LYS A 166 26.33 14.74 -6.09
N LYS A 167 25.03 14.84 -5.85
CA LYS A 167 24.47 16.06 -5.21
C LYS A 167 25.01 16.24 -3.77
N ASN A 168 25.12 15.18 -3.00
CA ASN A 168 25.33 15.27 -1.54
C ASN A 168 26.77 15.00 -1.09
N ILE A 169 27.65 14.45 -1.93
CA ILE A 169 28.95 13.92 -1.42
C ILE A 169 29.84 15.07 -0.89
N GLN A 170 29.81 16.27 -1.44
CA GLN A 170 30.67 17.38 -0.93
C GLN A 170 30.28 17.71 0.51
N ARG A 171 28.98 17.84 0.79
CA ARG A 171 28.50 18.22 2.14
C ARG A 171 28.78 17.05 3.06
N ILE A 172 28.75 15.80 2.57
CA ILE A 172 29.12 14.65 3.44
C ILE A 172 30.62 14.72 3.76
N ILE A 173 31.47 14.95 2.77
CA ILE A 173 32.94 15.11 3.00
C ILE A 173 33.19 16.27 3.98
N ASN A 174 32.52 17.40 3.79
CA ASN A 174 32.72 18.62 4.63
C ASN A 174 32.02 18.46 5.97
N ASN A 175 31.27 17.38 6.20
CA ASN A 175 30.51 17.15 7.45
C ASN A 175 29.62 18.35 7.72
N THR A 176 28.99 18.89 6.68
CA THR A 176 28.04 20.01 6.83
C THR A 176 26.64 19.55 6.51
N TYR A 177 26.41 18.24 6.41
CA TYR A 177 25.06 17.72 6.07
C TYR A 177 24.17 17.72 7.32
N GLU A 178 22.87 17.83 7.09
CA GLU A 178 21.84 17.62 8.13
C GLU A 178 21.31 16.18 7.97
N ASN A 179 20.84 15.57 9.05
CA ASN A 179 20.09 14.28 8.97
C ASN A 179 18.80 14.45 9.79
N PHE A 180 17.79 13.61 9.54
CA PHE A 180 16.47 13.65 10.21
C PHE A 180 16.05 12.21 10.52
N LYS A 181 15.44 12.04 11.69
CA LYS A 181 14.94 10.72 12.14
C LYS A 181 13.86 10.29 11.16
N GLN A 182 13.86 9.02 10.74
CA GLN A 182 12.73 8.51 9.95
C GLN A 182 11.47 8.52 10.80
N ASN A 183 10.34 8.86 10.17
CA ASN A 183 8.97 8.70 10.67
C ASN A 183 8.75 7.22 11.05
N ASN A 184 8.03 6.98 12.15
CA ASN A 184 7.50 5.67 12.57
C ASN A 184 6.26 5.33 11.74
N ILE A 185 5.48 6.34 11.38
CA ILE A 185 4.27 6.19 10.55
C ILE A 185 4.71 5.97 9.09
N SER A 186 4.06 5.02 8.42
CA SER A 186 4.35 4.65 7.00
C SER A 186 5.65 3.87 6.85
N SER A 187 6.32 3.47 7.95
CA SER A 187 7.52 2.61 7.89
C SER A 187 7.08 1.21 7.44
N SER A 188 7.70 0.65 6.41
CA SER A 188 7.35 -0.72 5.95
C SER A 188 8.65 -1.42 5.60
N TYR A 189 8.59 -2.75 5.59
CA TYR A 189 9.76 -3.64 5.51
C TYR A 189 9.36 -4.93 4.79
N PHE A 190 10.23 -5.38 3.88
CA PHE A 190 10.10 -6.68 3.18
C PHE A 190 11.45 -7.41 3.29
N SER A 191 11.40 -8.64 3.76
CA SER A 191 12.57 -9.56 3.78
C SER A 191 12.58 -10.45 2.54
N ARG A 192 13.70 -11.13 2.30
CA ARG A 192 13.80 -12.13 1.20
C ARG A 192 12.62 -13.13 1.29
N GLN A 193 12.20 -13.48 2.49
CA GLN A 193 11.17 -14.53 2.70
C GLN A 193 9.80 -13.97 2.35
N ASP A 194 9.60 -12.66 2.30
CA ASP A 194 8.27 -12.06 1.98
C ASP A 194 7.98 -12.06 0.48
N ILE A 195 8.93 -12.40 -0.36
CA ILE A 195 8.70 -12.40 -1.83
C ILE A 195 8.90 -13.81 -2.37
N ASN A 196 7.87 -14.36 -3.03
CA ASN A 196 7.93 -15.63 -3.80
C ASN A 196 8.05 -15.22 -5.26
N ILE A 197 9.26 -15.32 -5.81
CA ILE A 197 9.61 -14.83 -7.17
C ILE A 197 8.96 -15.76 -8.22
N ASN A 198 8.49 -16.95 -7.78
CA ASN A 198 7.52 -17.84 -8.48
C ASN A 198 6.10 -17.36 -8.19
N HIS A 199 5.87 -16.04 -8.16
CA HIS A 199 4.59 -15.45 -7.70
C HIS A 199 3.45 -16.08 -8.52
N LYS A 200 2.49 -16.73 -7.86
CA LYS A 200 1.22 -17.19 -8.48
C LYS A 200 0.27 -15.96 -8.56
N ILE A 201 -0.22 -15.63 -9.75
CA ILE A 201 -1.09 -14.44 -9.98
C ILE A 201 -2.46 -14.71 -9.37
N ASN A 202 -2.94 -13.79 -8.54
CA ASN A 202 -4.37 -13.74 -8.10
C ASN A 202 -5.13 -12.95 -9.16
N PHE A 203 -6.01 -13.61 -9.93
CA PHE A 203 -6.79 -12.97 -11.03
C PHE A 203 -8.07 -12.32 -10.47
N LYS A 204 -8.40 -12.53 -9.20
CA LYS A 204 -9.61 -11.95 -8.54
C LYS A 204 -9.19 -10.61 -7.93
N LYS A 205 -8.76 -9.73 -8.84
CA LYS A 205 -8.12 -8.43 -8.57
C LYS A 205 -8.46 -7.53 -9.75
N THR A 206 -8.12 -6.26 -9.65
CA THR A 206 -8.33 -5.29 -10.72
C THR A 206 -7.32 -5.61 -11.83
N SER A 207 -7.55 -5.04 -13.00
CA SER A 207 -6.57 -5.06 -14.12
C SER A 207 -5.25 -4.43 -13.67
N PHE A 208 -5.29 -3.30 -12.98
CA PHE A 208 -4.08 -2.63 -12.47
C PHE A 208 -3.27 -3.63 -11.63
N GLU A 209 -3.96 -4.37 -10.76
CA GLU A 209 -3.31 -5.34 -9.83
C GLU A 209 -2.79 -6.58 -10.55
N ILE A 210 -3.55 -7.14 -11.48
CA ILE A 210 -3.02 -8.27 -12.31
C ILE A 210 -1.75 -7.85 -13.03
N HIS A 211 -1.81 -6.72 -13.75
CA HIS A 211 -0.67 -6.07 -14.44
C HIS A 211 0.53 -5.90 -13.49
N ASN A 212 0.29 -5.46 -12.27
CA ASN A 212 1.34 -5.27 -11.24
C ASN A 212 1.97 -6.62 -10.89
N GLN A 213 1.16 -7.66 -10.70
CA GLN A 213 1.64 -9.02 -10.39
C GLN A 213 2.52 -9.56 -11.52
N ILE A 214 2.29 -9.13 -12.75
CA ILE A 214 3.14 -9.56 -13.89
C ILE A 214 4.39 -8.67 -13.90
N ARG A 215 4.22 -7.36 -13.99
CA ARG A 215 5.35 -6.47 -14.38
C ARG A 215 6.40 -6.37 -13.24
N ALA A 216 5.96 -6.55 -11.99
CA ALA A 216 6.86 -6.59 -10.82
C ALA A 216 7.92 -7.67 -10.98
N PHE A 217 7.68 -8.72 -11.77
CA PHE A 217 8.64 -9.87 -11.89
C PHE A 217 9.26 -9.92 -13.27
N ILE A 218 9.04 -8.94 -14.15
CA ILE A 218 9.73 -8.84 -15.46
C ILE A 218 11.11 -8.19 -15.23
N PHE A 219 12.16 -9.00 -15.11
CA PHE A 219 13.56 -8.52 -14.95
C PHE A 219 14.45 -9.65 -15.48
N LYS A 220 14.67 -9.69 -16.79
CA LYS A 220 15.04 -10.94 -17.51
C LYS A 220 16.35 -11.50 -16.96
N GLU A 221 17.27 -10.65 -16.50
CA GLU A 221 18.56 -11.17 -15.96
C GLU A 221 18.31 -11.98 -14.71
N TYR A 222 17.17 -11.80 -14.05
CA TYR A 222 16.77 -12.54 -12.83
C TYR A 222 15.69 -13.56 -13.18
N GLN A 223 14.56 -13.10 -13.71
CA GLN A 223 13.44 -14.05 -14.02
C GLN A 223 12.43 -13.33 -14.92
N LEU A 224 11.58 -14.11 -15.57
CA LEU A 224 10.32 -13.63 -16.17
C LEU A 224 9.19 -14.39 -15.50
N PRO A 225 8.03 -13.74 -15.31
CA PRO A 225 6.87 -14.45 -14.80
C PRO A 225 6.28 -15.24 -15.96
N SER A 226 5.46 -16.20 -15.57
CA SER A 226 4.75 -17.18 -16.42
C SER A 226 3.23 -17.04 -16.23
N ILE A 227 2.50 -17.11 -17.33
CA ILE A 227 1.05 -17.38 -17.36
C ILE A 227 0.86 -18.68 -18.18
N ASN A 228 0.22 -19.70 -17.60
CA ASN A 228 -0.05 -20.97 -18.34
C ASN A 228 1.27 -21.48 -18.91
N LYS A 229 2.31 -21.54 -18.05
CA LYS A 229 3.64 -22.13 -18.32
C LYS A 229 4.34 -21.42 -19.48
N THR A 230 3.93 -20.21 -19.83
CA THR A 230 4.55 -19.41 -20.91
C THR A 230 5.18 -18.16 -20.28
N LYS A 231 6.46 -17.92 -20.54
CA LYS A 231 7.19 -16.72 -20.05
C LYS A 231 6.59 -15.45 -20.66
N ILE A 232 6.43 -14.40 -19.86
CA ILE A 232 5.93 -13.06 -20.29
C ILE A 232 7.07 -12.02 -20.30
N ILE A 233 7.17 -11.22 -21.35
CA ILE A 233 8.31 -10.27 -21.54
C ILE A 233 7.84 -8.85 -21.37
N LYS A 234 6.53 -8.62 -21.48
CA LYS A 234 5.95 -7.27 -21.43
C LYS A 234 4.51 -7.35 -20.97
N SER A 235 4.07 -6.38 -20.19
CA SER A 235 2.65 -6.22 -19.81
C SER A 235 2.27 -4.79 -20.14
N THR A 236 1.14 -4.56 -20.79
CA THR A 236 0.68 -3.21 -21.16
C THR A 236 -0.75 -3.06 -20.67
N LEU A 237 -0.98 -2.05 -19.84
CA LEU A 237 -2.32 -1.78 -19.27
C LEU A 237 -2.90 -0.54 -19.93
N THR A 238 -4.16 -0.62 -20.38
CA THR A 238 -4.85 0.54 -20.94
C THR A 238 -6.21 0.69 -20.26
N ASN A 239 -6.87 1.80 -20.52
CA ASN A 239 -8.15 2.14 -19.88
C ASN A 239 -9.30 1.70 -20.80
N GLU A 240 -9.01 0.90 -21.81
CA GLU A 240 -10.05 0.27 -22.68
C GLU A 240 -10.79 -0.81 -21.89
N PHE A 241 -12.12 -0.68 -21.78
CA PHE A 241 -13.02 -1.69 -21.19
C PHE A 241 -13.24 -2.82 -22.21
N ILE A 242 -12.94 -4.06 -21.83
CA ILE A 242 -13.10 -5.26 -22.68
C ILE A 242 -14.06 -6.27 -22.04
N GLY A 243 -14.69 -5.93 -20.92
CA GLY A 243 -15.50 -6.84 -20.11
C GLY A 243 -14.75 -7.24 -18.87
N TYR A 244 -15.48 -7.65 -17.85
CA TYR A 244 -14.92 -8.15 -16.56
C TYR A 244 -14.28 -9.52 -16.73
N ASN A 245 -13.13 -9.69 -16.06
CA ASN A 245 -12.52 -11.00 -15.76
C ASN A 245 -12.27 -11.75 -17.08
N MET A 246 -11.76 -11.04 -18.09
CA MET A 246 -11.45 -11.65 -19.40
C MET A 246 -10.10 -12.36 -19.34
N PHE A 247 -9.98 -13.47 -20.08
CA PHE A 247 -8.70 -14.19 -20.28
C PHE A 247 -8.84 -14.89 -21.64
N GLU A 248 -8.14 -14.36 -22.65
CA GLU A 248 -8.03 -14.94 -24.00
C GLU A 248 -6.56 -15.15 -24.35
N GLU A 249 -6.18 -16.40 -24.62
CA GLU A 249 -4.82 -16.76 -25.09
C GLU A 249 -4.78 -16.66 -26.62
N PHE A 250 -3.98 -15.73 -27.16
CA PHE A 250 -3.61 -15.68 -28.60
C PHE A 250 -2.26 -16.38 -28.78
N GLU A 251 -1.81 -16.60 -30.03
CA GLU A 251 -0.56 -17.37 -30.25
C GLU A 251 0.62 -16.66 -29.54
N GLU A 252 0.70 -15.34 -29.62
CA GLU A 252 1.88 -14.53 -29.21
C GLU A 252 1.62 -13.70 -27.93
N TYR A 253 0.40 -13.72 -27.38
CA TYR A 253 0.07 -12.84 -26.21
C TYR A 253 -1.23 -13.29 -25.55
N PHE A 254 -1.45 -12.75 -24.35
CA PHE A 254 -2.70 -12.95 -23.57
C PHE A 254 -3.37 -11.60 -23.44
N MET A 255 -4.68 -11.57 -23.66
CA MET A 255 -5.50 -10.37 -23.39
C MET A 255 -6.25 -10.72 -22.12
N ILE A 256 -6.13 -9.89 -21.08
CA ILE A 256 -6.61 -10.25 -19.73
C ILE A 256 -7.29 -9.00 -19.18
N SER A 257 -8.30 -9.18 -18.36
CA SER A 257 -8.81 -8.07 -17.54
C SER A 257 -9.24 -8.63 -16.21
N GLY A 258 -9.25 -7.76 -15.20
CA GLY A 258 -9.64 -8.14 -13.86
C GLY A 258 -11.05 -7.72 -13.59
N ILE A 259 -11.39 -7.56 -12.31
CA ILE A 259 -12.78 -7.28 -11.84
C ILE A 259 -13.30 -5.94 -12.38
N ASP A 260 -12.43 -5.05 -12.83
CA ASP A 260 -12.87 -3.73 -13.31
C ASP A 260 -12.82 -3.70 -14.85
N GLY A 261 -12.35 -4.74 -15.49
CA GLY A 261 -12.54 -4.90 -16.96
C GLY A 261 -11.61 -4.14 -17.87
N PHE A 262 -10.45 -3.67 -17.40
CA PHE A 262 -9.55 -2.90 -18.28
C PHE A 262 -8.57 -3.86 -18.95
N LYS A 263 -8.28 -3.56 -20.22
CA LYS A 263 -7.41 -4.40 -21.10
C LYS A 263 -5.95 -4.44 -20.60
N ILE A 264 -5.44 -5.66 -20.40
CA ILE A 264 -4.00 -5.97 -20.30
C ILE A 264 -3.62 -6.78 -21.54
N ILE A 265 -2.50 -6.44 -22.17
CA ILE A 265 -1.84 -7.32 -23.16
C ILE A 265 -0.56 -7.82 -22.50
N ALA A 266 -0.47 -9.12 -22.26
CA ALA A 266 0.72 -9.79 -21.74
C ALA A 266 1.40 -10.50 -22.92
N GLN A 267 2.56 -9.98 -23.31
CA GLN A 267 3.35 -10.45 -24.49
C GLN A 267 4.16 -11.68 -24.08
N LYS A 268 4.06 -12.76 -24.86
CA LYS A 268 4.77 -14.02 -24.58
C LYS A 268 6.24 -13.87 -25.03
N TYR A 269 7.15 -14.42 -24.25
CA TYR A 269 8.55 -14.67 -24.66
C TYR A 269 8.55 -15.53 -25.94
N MET B 1 -46.84 7.56 -4.98
CA MET B 1 -45.97 6.48 -5.51
C MET B 1 -44.62 6.53 -4.79
N ILE B 2 -43.91 5.40 -4.79
CA ILE B 2 -42.58 5.33 -4.14
C ILE B 2 -41.57 6.08 -5.02
N LYS B 3 -40.98 7.13 -4.50
CA LYS B 3 -39.98 7.92 -5.26
C LYS B 3 -38.55 7.46 -4.93
N LEU B 4 -38.34 6.91 -3.73
CA LEU B 4 -36.96 6.69 -3.22
C LEU B 4 -36.97 5.49 -2.27
N CYS B 5 -35.96 4.65 -2.41
CA CYS B 5 -35.77 3.46 -1.57
C CYS B 5 -34.39 3.58 -0.92
N ILE B 6 -34.32 3.39 0.40
CA ILE B 6 -33.04 3.15 1.10
C ILE B 6 -32.94 1.67 1.47
N ALA B 7 -31.88 1.04 0.96
CA ALA B 7 -31.58 -0.38 1.21
C ALA B 7 -30.31 -0.39 2.05
N GLY B 8 -30.39 -0.93 3.26
CA GLY B 8 -29.19 -1.17 4.08
C GLY B 8 -29.46 -0.93 5.55
N LYS B 9 -28.47 -0.35 6.27
CA LYS B 9 -28.42 -0.46 7.75
C LYS B 9 -27.60 0.66 8.37
N ASN B 10 -27.69 0.75 9.70
CA ASN B 10 -26.75 1.52 10.55
C ASN B 10 -27.09 3.01 10.42
N ASN B 11 -26.35 3.88 11.09
CA ASN B 11 -26.69 5.31 11.26
C ASN B 11 -26.74 5.96 9.89
N ILE B 12 -25.92 5.50 8.96
CA ILE B 12 -25.89 6.11 7.60
C ILE B 12 -27.27 5.90 6.95
N ALA B 13 -27.85 4.70 7.02
CA ALA B 13 -29.17 4.47 6.41
C ALA B 13 -30.26 5.26 7.17
N VAL B 14 -30.26 5.20 8.50
CA VAL B 14 -31.29 5.83 9.38
C VAL B 14 -31.21 7.35 9.20
N ASN B 15 -30.02 7.93 9.34
CA ASN B 15 -29.90 9.42 9.32
C ASN B 15 -30.15 9.93 7.90
N SER B 16 -29.80 9.16 6.87
CA SER B 16 -30.08 9.58 5.47
C SER B 16 -31.59 9.54 5.23
N LEU B 17 -32.27 8.52 5.74
CA LEU B 17 -33.75 8.45 5.58
C LEU B 17 -34.41 9.65 6.33
N GLU B 18 -33.95 9.97 7.54
CA GLU B 18 -34.45 11.11 8.34
C GLU B 18 -34.30 12.38 7.51
N TYR B 19 -33.14 12.57 6.88
CA TYR B 19 -32.89 13.76 6.04
C TYR B 19 -33.86 13.83 4.86
N ILE B 20 -34.12 12.69 4.23
CA ILE B 20 -35.11 12.60 3.12
C ILE B 20 -36.48 13.10 3.63
N LEU B 21 -36.94 12.57 4.76
CA LEU B 21 -38.29 12.87 5.30
C LEU B 21 -38.37 14.32 5.79
N LYS B 22 -37.27 14.91 6.26
CA LYS B 22 -37.24 16.34 6.66
C LYS B 22 -37.30 17.26 5.43
N ASN B 23 -36.79 16.86 4.27
CA ASN B 23 -36.32 17.82 3.24
C ASN B 23 -36.84 17.51 1.84
N HIS B 24 -37.25 16.29 1.51
CA HIS B 24 -37.41 15.88 0.10
C HIS B 24 -38.68 15.09 -0.18
N PHE B 25 -39.05 14.10 0.64
CA PHE B 25 -40.17 13.18 0.32
C PHE B 25 -41.03 12.93 1.56
N LYS B 26 -42.31 12.63 1.29
CA LYS B 26 -43.30 12.27 2.34
C LYS B 26 -43.13 10.79 2.67
N PRO B 27 -43.52 10.34 3.89
CA PRO B 27 -43.41 8.93 4.27
C PRO B 27 -43.92 7.94 3.22
N ASP B 28 -45.06 8.25 2.59
CA ASP B 28 -45.67 7.32 1.61
C ASP B 28 -44.88 7.29 0.31
N GLN B 29 -43.93 8.22 0.12
CA GLN B 29 -43.11 8.27 -1.12
C GLN B 29 -41.76 7.56 -0.90
N VAL B 30 -41.53 7.00 0.29
CA VAL B 30 -40.24 6.35 0.63
C VAL B 30 -40.46 4.92 1.13
N ALA B 31 -39.55 4.02 0.80
CA ALA B 31 -39.55 2.62 1.30
C ALA B 31 -38.13 2.23 1.75
N VAL B 32 -38.05 1.26 2.65
CA VAL B 32 -36.76 0.70 3.11
C VAL B 32 -36.69 -0.77 2.73
N ILE B 33 -35.46 -1.24 2.48
CA ILE B 33 -35.11 -2.67 2.38
C ILE B 33 -34.06 -2.88 3.44
N PRO B 34 -34.40 -3.65 4.50
CA PRO B 34 -33.47 -3.94 5.58
C PRO B 34 -32.45 -5.04 5.24
N ASN B 35 -31.37 -5.02 6.02
CA ASN B 35 -30.38 -6.12 6.01
C ASN B 35 -30.99 -7.32 6.77
N LYS B 36 -30.44 -8.51 6.58
CA LYS B 36 -30.95 -9.79 7.18
C LYS B 36 -30.84 -9.79 8.71
N ASN B 37 -29.92 -9.04 9.29
CA ASN B 37 -29.71 -8.99 10.75
C ASN B 37 -30.34 -7.76 11.36
N ASP B 38 -31.23 -7.04 10.68
CA ASP B 38 -31.97 -5.94 11.36
C ASP B 38 -33.18 -6.56 12.07
N PHE B 39 -33.24 -6.52 13.40
CA PHE B 39 -34.38 -7.08 14.20
C PHE B 39 -35.02 -5.95 14.99
N GLY B 40 -34.86 -4.71 14.50
CA GLY B 40 -35.56 -3.56 15.10
C GLY B 40 -35.00 -3.12 16.41
N VAL B 41 -33.78 -3.53 16.77
CA VAL B 41 -33.20 -3.14 18.08
C VAL B 41 -32.01 -2.21 17.87
N ASP B 42 -32.14 -0.97 18.30
CA ASP B 42 -31.03 0.00 18.35
C ASP B 42 -29.98 -0.53 19.33
N SER B 43 -28.70 -0.47 18.98
CA SER B 43 -27.60 -0.84 19.91
C SER B 43 -26.39 0.04 19.57
N TRP B 44 -25.26 -0.57 19.21
CA TRP B 44 -24.04 0.20 18.89
C TRP B 44 -24.32 1.05 17.63
N GLN B 45 -25.30 0.63 16.83
CA GLN B 45 -25.88 1.44 15.72
C GLN B 45 -27.40 1.37 15.79
N LYS B 46 -28.05 2.36 15.17
CA LYS B 46 -29.52 2.47 15.08
C LYS B 46 -30.01 1.42 14.09
N SER B 47 -31.17 0.86 14.37
CA SER B 47 -31.92 -0.05 13.49
C SER B 47 -32.77 0.74 12.48
N LEU B 48 -32.58 0.45 11.19
CA LEU B 48 -33.41 0.98 10.10
C LEU B 48 -34.87 0.55 10.31
N LEU B 49 -35.11 -0.72 10.61
CA LEU B 49 -36.50 -1.19 10.85
C LEU B 49 -37.15 -0.48 12.04
N HIS B 50 -36.41 -0.19 13.09
CA HIS B 50 -36.95 0.54 14.27
C HIS B 50 -37.33 1.97 13.88
N TYR B 51 -36.50 2.64 13.07
CA TYR B 51 -36.82 3.98 12.53
C TYR B 51 -38.09 3.89 11.68
N ALA B 52 -38.16 2.90 10.78
CA ALA B 52 -39.31 2.68 9.86
C ALA B 52 -40.58 2.36 10.67
N PHE B 53 -40.45 1.68 11.80
CA PHE B 53 -41.57 1.37 12.75
C PHE B 53 -42.10 2.68 13.32
N ASN B 54 -41.21 3.47 13.95
CA ASN B 54 -41.56 4.75 14.63
C ASN B 54 -42.17 5.71 13.61
N ASN B 55 -41.75 5.64 12.35
CA ASN B 55 -42.10 6.69 11.35
C ASN B 55 -43.09 6.17 10.31
N HIS B 56 -43.62 4.96 10.48
CA HIS B 56 -44.63 4.33 9.59
C HIS B 56 -44.12 4.34 8.15
N ILE B 57 -42.84 4.05 7.94
CA ILE B 57 -42.27 3.85 6.58
C ILE B 57 -42.45 2.38 6.21
N LYS B 58 -42.93 2.11 5.00
CA LYS B 58 -43.18 0.73 4.54
C LYS B 58 -41.88 0.07 4.11
N VAL B 59 -41.87 -1.25 4.20
CA VAL B 59 -40.81 -2.15 3.68
C VAL B 59 -41.21 -2.59 2.28
N ILE B 60 -40.23 -2.69 1.37
CA ILE B 60 -40.38 -3.45 0.10
C ILE B 60 -39.27 -4.48 0.06
N THR B 61 -39.46 -5.45 -0.82
CA THR B 61 -38.45 -6.45 -1.18
C THR B 61 -37.63 -5.88 -2.34
N LEU B 62 -36.43 -6.43 -2.47
CA LEU B 62 -35.54 -6.10 -3.59
C LEU B 62 -36.28 -6.44 -4.89
N GLU B 63 -37.04 -7.54 -4.91
CA GLU B 63 -37.76 -7.97 -6.14
C GLU B 63 -38.84 -6.95 -6.48
N GLU B 64 -39.49 -6.33 -5.49
CA GLU B 64 -40.48 -5.25 -5.76
C GLU B 64 -39.76 -3.99 -6.30
N ALA B 65 -38.58 -3.67 -5.74
CA ALA B 65 -37.77 -2.48 -6.17
C ALA B 65 -37.46 -2.57 -7.66
N TYR B 66 -37.16 -3.77 -8.17
CA TYR B 66 -36.82 -4.04 -9.58
C TYR B 66 -37.90 -3.47 -10.49
N GLU B 67 -39.17 -3.55 -10.09
CA GLU B 67 -40.31 -3.25 -10.99
C GLU B 67 -40.66 -1.76 -10.93
N LEU B 68 -40.19 -1.01 -9.93
CA LEU B 68 -40.61 0.41 -9.80
C LEU B 68 -39.77 1.29 -10.75
N LYS B 69 -40.28 1.54 -11.95
CA LYS B 69 -39.64 2.48 -12.89
C LYS B 69 -39.46 3.80 -12.19
N GLN B 70 -38.39 4.53 -12.46
CA GLN B 70 -38.23 5.91 -11.94
C GLN B 70 -37.89 5.98 -10.44
N ILE B 71 -37.86 4.88 -9.67
CA ILE B 71 -37.43 4.95 -8.25
C ILE B 71 -35.98 5.45 -8.22
N ILE B 72 -35.63 6.30 -7.25
CA ILE B 72 -34.23 6.57 -6.84
C ILE B 72 -33.84 5.51 -5.79
N PHE B 73 -32.86 4.68 -6.09
CA PHE B 73 -32.46 3.54 -5.21
C PHE B 73 -31.06 3.82 -4.66
N PHE B 74 -30.92 3.82 -3.34
CA PHE B 74 -29.62 3.97 -2.64
C PHE B 74 -29.33 2.73 -1.82
N SER B 75 -28.20 2.08 -2.08
CA SER B 75 -27.60 1.13 -1.10
C SER B 75 -26.70 1.89 -0.13
N LEU B 76 -27.01 1.81 1.17
CA LEU B 76 -26.21 2.36 2.28
C LEU B 76 -25.89 1.20 3.24
N GLU B 77 -24.78 0.51 3.01
CA GLU B 77 -24.34 -0.63 3.84
C GLU B 77 -25.33 -1.78 3.61
N PHE B 78 -25.84 -1.93 2.39
CA PHE B 78 -26.79 -3.01 1.99
C PHE B 78 -26.03 -4.33 1.92
N ASP B 79 -26.69 -5.43 2.28
CA ASP B 79 -26.02 -6.75 2.37
C ASP B 79 -26.38 -7.64 1.17
N ARG B 80 -27.02 -7.14 0.14
CA ARG B 80 -27.33 -7.97 -1.05
CA ARG B 80 -27.28 -7.98 -1.05
C ARG B 80 -26.73 -7.29 -2.29
N ILE B 81 -26.37 -8.08 -3.28
CA ILE B 81 -25.84 -7.60 -4.59
C ILE B 81 -26.96 -6.86 -5.34
N VAL B 82 -26.68 -5.64 -5.80
CA VAL B 82 -27.61 -4.83 -6.62
C VAL B 82 -27.32 -5.16 -8.09
N LYS B 83 -28.24 -5.87 -8.73
CA LYS B 83 -28.08 -6.35 -10.13
C LYS B 83 -28.77 -5.36 -11.05
N VAL B 84 -28.01 -4.45 -11.60
CA VAL B 84 -28.49 -3.30 -12.40
C VAL B 84 -29.38 -3.77 -13.57
N GLU B 85 -29.09 -4.92 -14.17
CA GLU B 85 -29.87 -5.47 -15.31
C GLU B 85 -31.29 -5.77 -14.83
N LYS B 86 -31.45 -6.12 -13.55
CA LYS B 86 -32.76 -6.55 -12.99
C LYS B 86 -33.65 -5.32 -12.76
N PHE B 87 -33.10 -4.10 -12.71
CA PHE B 87 -33.88 -2.88 -12.37
C PHE B 87 -34.45 -2.23 -13.62
N LYS B 88 -35.70 -1.77 -13.57
CA LYS B 88 -36.29 -0.88 -14.60
C LYS B 88 -35.67 0.51 -14.49
N SER B 89 -35.47 1.01 -13.26
CA SER B 89 -34.84 2.33 -13.00
C SER B 89 -33.34 2.26 -13.33
N ASP B 90 -32.78 3.34 -13.85
CA ASP B 90 -31.29 3.45 -13.93
C ASP B 90 -30.81 4.42 -12.85
N LYS B 91 -31.68 4.87 -11.94
CA LYS B 91 -31.26 5.78 -10.85
C LYS B 91 -30.78 4.96 -9.62
N LEU B 92 -29.64 4.30 -9.74
CA LEU B 92 -29.09 3.37 -8.72
C LEU B 92 -27.75 3.93 -8.21
N PHE B 93 -27.67 4.20 -6.89
CA PHE B 93 -26.51 4.81 -6.21
C PHE B 93 -26.10 3.98 -5.00
N ASN B 94 -24.80 3.98 -4.75
CA ASN B 94 -24.14 3.25 -3.64
C ASN B 94 -23.22 4.25 -2.92
N MET B 95 -23.08 4.16 -1.60
CA MET B 95 -22.01 4.87 -0.87
C MET B 95 -20.99 3.80 -0.52
N HIS B 96 -19.94 3.65 -1.32
CA HIS B 96 -18.86 2.70 -1.04
C HIS B 96 -17.88 3.28 -0.01
N PHE B 97 -17.50 2.49 0.99
CA PHE B 97 -16.63 2.97 2.08
C PHE B 97 -15.14 2.83 1.71
N SER B 98 -14.69 3.49 0.66
CA SER B 98 -13.25 3.68 0.35
C SER B 98 -13.10 4.93 -0.54
N ALA B 99 -11.85 5.32 -0.75
CA ALA B 99 -11.42 6.34 -1.75
C ALA B 99 -11.27 5.64 -3.09
N LEU B 100 -12.39 5.39 -3.77
CA LEU B 100 -12.35 4.73 -5.11
C LEU B 100 -11.45 5.58 -5.98
N PRO B 101 -10.65 4.97 -6.89
CA PRO B 101 -10.78 3.56 -7.25
C PRO B 101 -10.09 2.49 -6.40
N LYS B 102 -9.46 2.92 -5.32
CA LYS B 102 -8.85 2.01 -4.34
C LYS B 102 -9.93 1.33 -3.50
N TYR B 103 -9.61 0.10 -3.09
CA TYR B 103 -10.29 -0.73 -2.07
C TYR B 103 -11.75 -0.94 -2.52
N LYS B 104 -11.93 -1.32 -3.78
CA LYS B 104 -13.22 -1.94 -4.21
C LYS B 104 -13.38 -3.20 -3.37
N GLY B 105 -14.59 -3.74 -3.31
CA GLY B 105 -14.83 -4.98 -2.58
C GLY B 105 -15.15 -4.74 -1.12
N VAL B 106 -14.78 -5.70 -0.30
CA VAL B 106 -15.38 -5.93 1.04
C VAL B 106 -14.38 -5.54 2.11
N PHE B 107 -14.89 -5.45 3.34
CA PHE B 107 -14.11 -5.28 4.59
C PHE B 107 -13.21 -4.05 4.44
N THR B 108 -13.77 -2.94 3.96
CA THR B 108 -12.97 -1.71 3.76
C THR B 108 -12.58 -1.04 5.08
N SER B 109 -13.00 -1.52 6.26
CA SER B 109 -12.51 -1.01 7.55
C SER B 109 -11.23 -1.78 7.90
N ILE B 110 -10.91 -2.89 7.21
CA ILE B 110 -9.73 -3.75 7.44
C ILE B 110 -8.67 -3.45 6.39
N THR B 111 -9.03 -3.48 5.09
CA THR B 111 -8.02 -3.59 4.00
C THR B 111 -7.12 -2.33 3.93
N PRO B 112 -7.56 -1.07 4.09
CA PRO B 112 -6.63 0.06 4.05
C PRO B 112 -5.64 0.05 5.21
N ILE B 113 -6.09 -0.34 6.41
CA ILE B 113 -5.17 -0.45 7.57
C ILE B 113 -4.11 -1.55 7.32
N LEU B 114 -4.54 -2.74 6.92
CA LEU B 114 -3.63 -3.88 6.70
C LEU B 114 -2.61 -3.53 5.61
N ASN B 115 -3.00 -2.70 4.64
CA ASN B 115 -2.16 -2.26 3.52
C ASN B 115 -1.48 -0.92 3.82
N ASN B 116 -1.39 -0.55 5.09
CA ASN B 116 -0.49 0.55 5.55
C ASN B 116 -0.90 1.95 5.04
N GLU B 117 -2.21 2.19 4.80
CA GLU B 117 -2.68 3.53 4.36
C GLU B 117 -2.73 4.47 5.57
N VAL B 118 -2.58 5.76 5.33
CA VAL B 118 -2.80 6.80 6.36
C VAL B 118 -4.04 7.64 6.02
N GLU B 119 -4.74 7.31 4.95
CA GLU B 119 -6.01 7.97 4.53
C GLU B 119 -6.97 6.91 4.00
N SER B 120 -8.27 7.17 4.12
CA SER B 120 -9.32 6.45 3.36
C SER B 120 -10.32 7.49 2.85
N GLY B 121 -11.52 7.07 2.49
CA GLY B 121 -12.56 7.96 2.00
C GLY B 121 -13.89 7.26 1.93
N VAL B 122 -14.90 8.03 1.58
CA VAL B 122 -16.23 7.53 1.16
C VAL B 122 -16.46 8.07 -0.24
N THR B 123 -17.06 7.23 -1.06
CA THR B 123 -17.36 7.56 -2.47
C THR B 123 -18.81 7.24 -2.78
N LEU B 124 -19.53 8.28 -3.19
CA LEU B 124 -20.89 8.17 -3.76
C LEU B 124 -20.75 7.88 -5.23
N HIS B 125 -21.26 6.73 -5.68
CA HIS B 125 -21.11 6.31 -7.10
C HIS B 125 -22.39 5.71 -7.67
N CYS B 126 -22.49 5.79 -9.00
CA CYS B 126 -23.49 5.01 -9.77
C CYS B 126 -23.18 3.52 -9.65
N ILE B 127 -24.22 2.71 -9.46
CA ILE B 127 -24.05 1.23 -9.49
C ILE B 127 -24.05 0.82 -10.96
N ASP B 128 -23.05 0.07 -11.40
CA ASP B 128 -23.06 -0.57 -12.75
C ASP B 128 -23.01 -2.09 -12.53
N ASN B 129 -22.62 -2.85 -13.55
CA ASN B 129 -22.66 -4.33 -13.47
C ASN B 129 -21.38 -4.86 -12.84
N GLY B 130 -20.40 -4.01 -12.50
CA GLY B 130 -19.16 -4.50 -11.84
C GLY B 130 -19.15 -4.28 -10.34
N ILE B 131 -18.14 -4.80 -9.64
CA ILE B 131 -18.04 -4.65 -8.17
C ILE B 131 -17.42 -3.27 -7.87
N ASP B 132 -18.26 -2.31 -7.51
CA ASP B 132 -17.87 -0.96 -7.04
C ASP B 132 -17.09 -0.21 -8.14
N THR B 133 -17.50 -0.43 -9.39
CA THR B 133 -16.77 -0.04 -10.61
C THR B 133 -17.45 1.21 -11.20
N GLY B 134 -18.64 1.59 -10.71
CA GLY B 134 -19.47 2.59 -11.38
C GLY B 134 -18.92 4.01 -11.24
N ASN B 135 -19.43 4.93 -12.08
CA ASN B 135 -18.94 6.31 -12.18
C ASN B 135 -19.13 7.02 -10.83
N ILE B 136 -18.10 7.78 -10.45
CA ILE B 136 -18.09 8.55 -9.21
C ILE B 136 -18.92 9.82 -9.38
N ILE B 137 -19.73 10.13 -8.37
CA ILE B 137 -20.47 11.41 -8.26
C ILE B 137 -19.72 12.32 -7.29
N ASP B 138 -19.28 11.78 -6.14
CA ASP B 138 -18.56 12.60 -5.16
C ASP B 138 -17.74 11.70 -4.23
N GLN B 139 -16.77 12.31 -3.59
CA GLN B 139 -15.80 11.62 -2.72
C GLN B 139 -15.37 12.53 -1.60
N TYR B 140 -15.17 11.95 -0.41
CA TYR B 140 -14.59 12.65 0.76
C TYR B 140 -13.43 11.81 1.25
N ILE B 141 -12.24 12.37 1.14
CA ILE B 141 -10.99 11.73 1.67
C ILE B 141 -10.74 12.23 3.09
N PHE B 142 -10.34 11.34 3.97
CA PHE B 142 -10.13 11.71 5.38
C PHE B 142 -9.02 10.86 5.96
N PRO B 143 -8.41 11.30 7.07
CA PRO B 143 -7.29 10.55 7.65
C PRO B 143 -7.71 9.27 8.36
N ILE B 144 -6.84 8.27 8.25
CA ILE B 144 -6.77 7.15 9.24
C ILE B 144 -5.81 7.61 10.34
N ASN B 145 -6.31 7.87 11.54
CA ASN B 145 -5.51 8.29 12.72
C ASN B 145 -4.66 7.07 13.09
N ILE B 146 -3.46 7.37 13.57
CA ILE B 146 -2.42 6.33 13.75
C ILE B 146 -2.93 5.24 14.70
N ASN B 147 -3.79 5.53 15.69
CA ASN B 147 -4.26 4.45 16.60
C ASN B 147 -5.72 4.05 16.33
N ASP B 148 -6.33 4.48 15.21
CA ASP B 148 -7.68 4.05 14.83
C ASP B 148 -7.71 2.50 14.72
N THR B 149 -8.76 1.89 15.26
CA THR B 149 -9.08 0.46 14.95
C THR B 149 -9.89 0.38 13.66
N ALA B 150 -10.15 -0.83 13.15
CA ALA B 150 -11.14 -1.00 12.08
C ALA B 150 -12.45 -0.31 12.52
N ARG B 151 -12.84 -0.45 13.78
CA ARG B 151 -14.14 0.07 14.27
C ARG B 151 -14.15 1.60 14.18
N ASP B 152 -13.07 2.25 14.60
CA ASP B 152 -12.94 3.73 14.47
C ASP B 152 -13.04 4.14 13.01
N LEU B 153 -12.35 3.45 12.08
CA LEU B 153 -12.43 3.81 10.64
C LEU B 153 -13.87 3.60 10.14
N TYR B 154 -14.52 2.51 10.55
CA TYR B 154 -15.92 2.23 10.21
C TYR B 154 -16.82 3.40 10.67
N PHE B 155 -16.72 3.82 11.93
CA PHE B 155 -17.53 4.97 12.43
C PHE B 155 -17.27 6.21 11.58
N ASN B 156 -16.03 6.44 11.16
CA ASN B 156 -15.72 7.59 10.26
C ASN B 156 -16.41 7.41 8.90
N TYR B 157 -16.40 6.22 8.30
CA TYR B 157 -17.15 5.95 7.04
C TYR B 157 -18.62 6.32 7.21
N LEU B 158 -19.22 5.95 8.33
CA LEU B 158 -20.66 6.23 8.60
C LEU B 158 -20.92 7.75 8.59
N SER B 159 -20.09 8.56 9.29
CA SER B 159 -20.23 10.03 9.42
C SER B 159 -20.03 10.70 8.06
N TYR B 160 -18.89 10.45 7.40
CA TYR B 160 -18.58 11.08 6.12
C TYR B 160 -19.56 10.60 5.04
N GLY B 161 -20.00 9.33 5.05
CA GLY B 161 -21.00 8.82 4.11
C GLY B 161 -22.34 9.52 4.26
N GLU B 162 -22.77 9.73 5.48
CA GLU B 162 -24.00 10.53 5.74
C GLU B 162 -23.82 11.94 5.15
N TYR B 163 -22.69 12.57 5.43
CA TYR B 163 -22.31 13.91 4.92
C TYR B 163 -22.42 13.91 3.38
N LEU B 164 -21.78 12.96 2.69
CA LEU B 164 -21.88 12.95 1.20
C LEU B 164 -23.32 12.77 0.73
N PHE B 165 -24.11 11.97 1.41
CA PHE B 165 -25.51 11.71 1.02
C PHE B 165 -26.28 13.03 1.04
N LYS B 166 -26.21 13.72 2.16
CA LYS B 166 -26.91 15.01 2.37
C LYS B 166 -26.39 16.07 1.37
N LYS B 167 -25.08 16.07 1.07
CA LYS B 167 -24.46 17.05 0.13
C LYS B 167 -24.99 16.85 -1.29
N ASN B 168 -25.24 15.61 -1.73
CA ASN B 168 -25.50 15.28 -3.15
C ASN B 168 -26.97 14.96 -3.46
N ILE B 169 -27.82 14.77 -2.47
CA ILE B 169 -29.19 14.22 -2.69
C ILE B 169 -30.03 15.19 -3.56
N GLN B 170 -29.94 16.50 -3.36
CA GLN B 170 -30.75 17.48 -4.14
C GLN B 170 -30.44 17.34 -5.63
N ARG B 171 -29.14 17.28 -5.99
CA ARG B 171 -28.75 17.20 -7.43
C ARG B 171 -29.12 15.85 -7.99
N ILE B 172 -29.11 14.80 -7.17
CA ILE B 172 -29.54 13.44 -7.61
C ILE B 172 -31.06 13.44 -7.88
N ILE B 173 -31.86 13.98 -6.96
CA ILE B 173 -33.34 14.12 -7.15
C ILE B 173 -33.60 14.94 -8.43
N ASN B 174 -32.91 16.08 -8.61
CA ASN B 174 -33.10 16.96 -9.80
C ASN B 174 -32.48 16.35 -11.07
N ASN B 175 -31.69 15.29 -10.95
CA ASN B 175 -30.99 14.67 -12.09
C ASN B 175 -30.05 15.71 -12.71
N THR B 176 -29.43 16.57 -11.92
CA THR B 176 -28.44 17.56 -12.40
C THR B 176 -27.02 17.17 -11.96
N TYR B 177 -26.83 16.03 -11.31
CA TYR B 177 -25.50 15.60 -10.80
C TYR B 177 -24.60 15.20 -11.97
N GLU B 178 -23.31 15.41 -11.79
CA GLU B 178 -22.25 14.99 -12.74
C GLU B 178 -21.71 13.65 -12.26
N ASN B 179 -21.20 12.83 -13.16
CA ASN B 179 -20.54 11.56 -12.76
C ASN B 179 -19.32 11.35 -13.69
N PHE B 180 -18.27 10.75 -13.18
CA PHE B 180 -17.00 10.54 -13.93
C PHE B 180 -16.59 9.07 -13.87
N LYS B 181 -16.10 8.53 -15.00
CA LYS B 181 -15.50 7.18 -15.03
C LYS B 181 -14.39 7.06 -13.99
N GLN B 182 -14.35 5.94 -13.28
CA GLN B 182 -13.20 5.67 -12.39
C GLN B 182 -11.95 5.47 -13.24
N ASN B 183 -10.79 5.97 -12.75
CA ASN B 183 -9.45 5.66 -13.31
C ASN B 183 -9.19 4.15 -13.24
N ASN B 184 -8.45 3.64 -14.21
CA ASN B 184 -7.94 2.24 -14.19
C ASN B 184 -6.68 2.18 -13.33
N ILE B 185 -5.88 3.25 -13.35
CA ILE B 185 -4.63 3.28 -12.53
C ILE B 185 -5.02 3.46 -11.06
N SER B 186 -4.42 2.71 -10.14
CA SER B 186 -4.65 2.77 -8.67
C SER B 186 -5.95 2.05 -8.28
N SER B 187 -6.63 1.43 -9.24
CA SER B 187 -7.81 0.57 -8.98
C SER B 187 -7.35 -0.68 -8.21
N SER B 188 -7.96 -0.93 -7.08
CA SER B 188 -7.65 -2.12 -6.25
C SER B 188 -8.93 -2.73 -5.68
N TYR B 189 -8.84 -3.99 -5.31
CA TYR B 189 -10.01 -4.84 -4.97
C TYR B 189 -9.59 -5.93 -3.98
N PHE B 190 -10.42 -6.15 -2.98
CA PHE B 190 -10.26 -7.25 -1.99
C PHE B 190 -11.57 -8.03 -1.92
N SER B 191 -11.50 -9.35 -2.06
CA SER B 191 -12.62 -10.32 -1.84
C SER B 191 -12.60 -10.80 -0.39
N ARG B 192 -13.67 -11.47 0.03
CA ARG B 192 -13.76 -12.15 1.34
C ARG B 192 -12.54 -13.07 1.53
N GLN B 193 -12.10 -13.78 0.48
CA GLN B 193 -11.04 -14.80 0.59
C GLN B 193 -9.67 -14.15 0.77
N ASP B 194 -9.56 -12.85 0.55
CA ASP B 194 -8.29 -12.10 0.74
C ASP B 194 -8.11 -11.70 2.20
N ILE B 195 -9.12 -11.85 3.05
CA ILE B 195 -9.01 -11.41 4.48
C ILE B 195 -9.06 -12.66 5.36
N ASN B 196 -8.06 -12.85 6.21
CA ASN B 196 -7.99 -13.96 7.19
C ASN B 196 -7.63 -13.42 8.57
N ILE B 197 -8.58 -13.42 9.50
CA ILE B 197 -8.33 -13.01 10.92
C ILE B 197 -7.37 -14.02 11.56
N ASN B 198 -7.50 -15.31 11.24
CA ASN B 198 -6.68 -16.37 11.87
C ASN B 198 -5.22 -16.30 11.39
N HIS B 199 -4.91 -15.53 10.34
CA HIS B 199 -3.53 -15.35 9.82
C HIS B 199 -2.63 -14.89 10.97
N LYS B 200 -1.54 -15.63 11.22
CA LYS B 200 -0.52 -15.28 12.23
C LYS B 200 -0.03 -13.86 11.91
N ILE B 201 0.17 -13.04 12.92
CA ILE B 201 0.92 -11.76 12.82
C ILE B 201 2.35 -12.07 12.38
N ASN B 202 2.85 -11.36 11.36
CA ASN B 202 4.27 -11.41 10.95
C ASN B 202 4.99 -10.34 11.78
N PHE B 203 5.83 -10.74 12.75
CA PHE B 203 6.59 -9.83 13.64
C PHE B 203 7.87 -9.31 12.96
N LYS B 204 8.27 -9.92 11.84
CA LYS B 204 9.48 -9.54 11.08
C LYS B 204 9.08 -8.40 10.14
N LYS B 205 8.55 -7.36 10.76
CA LYS B 205 7.94 -6.23 10.04
C LYS B 205 8.24 -4.98 10.88
N THR B 206 7.93 -3.81 10.38
CA THR B 206 8.10 -2.56 11.18
C THR B 206 7.08 -2.54 12.30
N SER B 207 7.29 -1.65 13.26
CA SER B 207 6.31 -1.45 14.35
C SER B 207 4.97 -1.02 13.74
N PHE B 208 5.01 -0.11 12.78
CA PHE B 208 3.80 0.38 12.07
C PHE B 208 3.02 -0.83 11.53
N GLU B 209 3.72 -1.75 10.87
CA GLU B 209 3.07 -2.93 10.25
C GLU B 209 2.51 -3.91 11.30
N ILE B 210 3.18 -4.09 12.43
CA ILE B 210 2.75 -5.08 13.45
C ILE B 210 1.47 -4.52 14.05
N HIS B 211 1.53 -3.23 14.37
CA HIS B 211 0.41 -2.43 14.88
C HIS B 211 -0.79 -2.49 13.91
N ASN B 212 -0.55 -2.34 12.60
CA ASN B 212 -1.60 -2.45 11.56
C ASN B 212 -2.23 -3.85 11.55
N GLN B 213 -1.41 -4.90 11.70
CA GLN B 213 -1.87 -6.31 11.67
C GLN B 213 -2.78 -6.59 12.87
N ILE B 214 -2.61 -5.84 13.95
CA ILE B 214 -3.47 -5.94 15.16
C ILE B 214 -4.72 -5.09 14.96
N ARG B 215 -4.57 -3.80 14.73
CA ARG B 215 -5.70 -2.86 14.89
C ARG B 215 -6.70 -3.00 13.73
N ALA B 216 -6.27 -3.52 12.57
CA ALA B 216 -7.16 -3.81 11.42
C ALA B 216 -8.24 -4.83 11.82
N PHE B 217 -8.03 -5.58 12.90
CA PHE B 217 -8.99 -6.64 13.30
C PHE B 217 -9.65 -6.30 14.63
N ILE B 218 -9.41 -5.11 15.18
CA ILE B 218 -10.13 -4.69 16.41
C ILE B 218 -11.48 -4.09 16.02
N PHE B 219 -12.55 -4.88 16.20
CA PHE B 219 -13.95 -4.43 15.98
C PHE B 219 -14.84 -5.32 16.84
N LYS B 220 -15.00 -4.95 18.11
CA LYS B 220 -15.41 -5.88 19.20
C LYS B 220 -16.74 -6.56 18.87
N GLU B 221 -17.68 -5.90 18.19
CA GLU B 221 -18.99 -6.53 17.81
C GLU B 221 -18.79 -7.71 16.86
N TYR B 222 -17.69 -7.74 16.11
CA TYR B 222 -17.35 -8.80 15.15
C TYR B 222 -16.23 -9.68 15.71
N GLN B 223 -15.08 -9.09 16.01
CA GLN B 223 -13.97 -9.91 16.55
C GLN B 223 -12.90 -9.00 17.15
N LEU B 224 -11.99 -9.63 17.90
CA LEU B 224 -10.69 -9.08 18.35
C LEU B 224 -9.56 -10.01 17.92
N PRO B 225 -8.38 -9.44 17.62
CA PRO B 225 -7.19 -10.24 17.36
C PRO B 225 -6.64 -10.79 18.67
N SER B 226 -5.76 -11.77 18.55
CA SER B 226 -5.07 -12.46 19.65
C SER B 226 -3.56 -12.39 19.48
N ILE B 227 -2.86 -12.25 20.60
CA ILE B 227 -1.41 -12.51 20.76
C ILE B 227 -1.23 -13.50 21.93
N ASN B 228 -0.49 -14.58 21.71
CA ASN B 228 -0.28 -15.67 22.70
C ASN B 228 -1.61 -16.04 23.37
N LYS B 229 -2.67 -16.20 22.58
CA LYS B 229 -4.02 -16.69 23.02
C LYS B 229 -4.71 -15.68 23.93
N THR B 230 -4.29 -14.41 23.95
CA THR B 230 -5.02 -13.33 24.67
C THR B 230 -5.56 -12.32 23.65
N LYS B 231 -6.84 -12.01 23.77
CA LYS B 231 -7.50 -11.04 22.88
C LYS B 231 -6.92 -9.64 23.20
N ILE B 232 -6.78 -8.83 22.16
CA ILE B 232 -6.29 -7.43 22.26
C ILE B 232 -7.45 -6.47 21.96
N ILE B 233 -7.67 -5.49 22.84
CA ILE B 233 -8.78 -4.51 22.70
C ILE B 233 -8.26 -3.19 22.12
N LYS B 234 -6.94 -2.95 22.18
CA LYS B 234 -6.38 -1.66 21.66
C LYS B 234 -4.90 -1.85 21.34
N SER B 235 -4.43 -1.16 20.29
CA SER B 235 -3.00 -1.08 19.96
C SER B 235 -2.61 0.40 19.85
N THR B 236 -1.50 0.74 20.43
CA THR B 236 -1.00 2.13 20.44
C THR B 236 0.42 2.10 19.89
N LEU B 237 0.67 2.81 18.80
CA LEU B 237 2.02 2.99 18.22
C LEU B 237 2.58 4.30 18.76
N THR B 238 3.70 4.20 19.46
CA THR B 238 4.48 5.37 19.91
C THR B 238 5.64 5.60 18.95
N ASN B 239 6.29 6.74 19.06
CA ASN B 239 7.58 6.95 18.34
C ASN B 239 8.73 6.85 19.33
N GLU B 240 8.56 6.12 20.43
CA GLU B 240 9.71 5.88 21.35
CA GLU B 240 9.66 5.82 21.40
C GLU B 240 10.48 4.62 20.89
N PHE B 241 11.78 4.80 20.72
CA PHE B 241 12.71 3.71 20.33
C PHE B 241 13.04 2.92 21.58
N ILE B 242 12.74 1.63 21.61
CA ILE B 242 12.99 0.73 22.77
C ILE B 242 13.94 -0.41 22.36
N GLY B 243 14.53 -0.33 21.16
CA GLY B 243 15.38 -1.40 20.61
C GLY B 243 14.60 -2.22 19.60
N TYR B 244 15.31 -2.90 18.70
CA TYR B 244 14.73 -3.68 17.56
C TYR B 244 14.13 -4.99 18.06
N ASN B 245 13.00 -5.41 17.51
CA ASN B 245 12.43 -6.79 17.63
C ASN B 245 12.16 -7.12 19.10
N MET B 246 11.57 -6.20 19.85
CA MET B 246 11.29 -6.43 21.29
C MET B 246 9.92 -7.11 21.42
N PHE B 247 9.77 -7.99 22.40
CA PHE B 247 8.45 -8.59 22.71
C PHE B 247 8.48 -8.99 24.19
N GLU B 248 7.56 -8.44 24.96
CA GLU B 248 7.47 -8.66 26.43
CA GLU B 248 7.46 -8.71 26.42
C GLU B 248 5.99 -8.69 26.82
N GLU B 249 5.53 -9.77 27.47
CA GLU B 249 4.14 -9.88 27.94
C GLU B 249 4.10 -9.40 29.40
N PHE B 250 3.23 -8.44 29.70
CA PHE B 250 2.95 -7.94 31.06
C PHE B 250 1.54 -8.39 31.43
N GLU B 251 1.09 -8.09 32.65
CA GLU B 251 -0.21 -8.58 33.18
C GLU B 251 -1.33 -8.07 32.26
N GLU B 252 -1.32 -6.77 31.92
CA GLU B 252 -2.42 -6.11 31.17
C GLU B 252 -2.10 -5.84 29.69
N TYR B 253 -0.89 -6.08 29.19
CA TYR B 253 -0.51 -5.59 27.84
C TYR B 253 0.78 -6.28 27.40
N PHE B 254 1.00 -6.19 26.10
CA PHE B 254 2.25 -6.60 25.43
C PHE B 254 2.97 -5.32 25.00
N MET B 255 4.28 -5.28 25.23
CA MET B 255 5.17 -4.26 24.70
C MET B 255 5.90 -4.89 23.53
N ILE B 256 5.78 -4.30 22.35
CA ILE B 256 6.29 -4.92 21.09
C ILE B 256 7.01 -3.84 20.28
N SER B 257 8.10 -4.23 19.64
CA SER B 257 8.70 -3.40 18.57
C SER B 257 9.08 -4.34 17.43
N GLY B 258 8.98 -3.82 16.21
CA GLY B 258 9.47 -4.52 15.01
C GLY B 258 10.87 -4.10 14.61
N ILE B 259 11.15 -4.20 13.31
CA ILE B 259 12.52 -4.09 12.77
C ILE B 259 13.03 -2.64 12.92
N ASP B 260 12.15 -1.65 13.18
CA ASP B 260 12.57 -0.22 13.31
C ASP B 260 12.50 0.22 14.78
N GLY B 261 12.09 -0.63 15.70
CA GLY B 261 12.37 -0.42 17.13
C GLY B 261 11.39 0.47 17.86
N PHE B 262 10.27 0.85 17.25
CA PHE B 262 9.34 1.77 17.93
C PHE B 262 8.37 0.98 18.81
N LYS B 263 8.12 1.50 20.01
CA LYS B 263 7.24 0.82 20.99
C LYS B 263 5.76 0.85 20.59
N ILE B 264 5.17 -0.35 20.56
CA ILE B 264 3.73 -0.66 20.48
C ILE B 264 3.28 -1.09 21.87
N ILE B 265 2.18 -0.52 22.35
CA ILE B 265 1.45 -1.04 23.53
C ILE B 265 0.17 -1.74 23.04
N ALA B 266 0.07 -3.06 23.19
CA ALA B 266 -1.14 -3.85 22.83
C ALA B 266 -1.87 -4.18 24.13
N GLN B 267 -3.00 -3.53 24.38
CA GLN B 267 -3.78 -3.66 25.63
C GLN B 267 -4.55 -5.00 25.60
N LYS B 268 -4.43 -5.80 26.64
CA LYS B 268 -5.21 -7.07 26.75
C LYS B 268 -6.69 -6.79 27.07
N TYR B 269 -7.59 -7.55 26.48
CA TYR B 269 -9.00 -7.66 26.93
C TYR B 269 -9.01 -8.10 28.39
N ASN B 270 -9.85 -7.53 29.25
CA ASN B 270 -9.93 -7.98 30.67
C ASN B 270 -11.35 -7.84 31.22
#